data_3IVC
#
_entry.id   3IVC
#
_cell.length_a   49.190
_cell.length_b   69.960
_cell.length_c   82.170
_cell.angle_alpha   90.00
_cell.angle_beta   100.25
_cell.angle_gamma   90.00
#
_symmetry.space_group_name_H-M   'P 1 21 1'
#
loop_
_entity.id
_entity.type
_entity.pdbx_description
1 polymer 'Pantothenate synthetase'
2 non-polymer '{2-[(1-benzofuran-2-ylmethoxy)carbonyl]-5-methoxy-1H-indol-1-yl}acetic acid'
3 non-polymer GLYCEROL
4 non-polymer 'SULFATE ION'
5 non-polymer ETHANOL
6 water water
#
_entity_poly.entity_id   1
_entity_poly.type   'polypeptide(L)'
_entity_poly.pdbx_seq_one_letter_code
;MAIPAFHPGELNVYSAPGDVADVSRALRLTGRRVMLVPTMGALHEGHLALVRAAKRVPGSVVVVSIFVNPMQFGAGGDLD
AYPRTPDDDLAQLRAEGVEIAFTPTTAAMYPDGLRTTVQPGPLAAELEGGPRPTHFAGVLTVVLKLLQIVRPDRVFFGEK
DYQQLVLIRQLVADFNLDVAVVGVPTVREADGLAMSSRNRYLDPAQRAAAVALSAALTAAAHAATAGAQAALDAARAVLD
AAPGVAVDYLELRDIGLGPMPLNGSGRLLVAARLGTTRLLDNIAIEIGTFAGTDRPDGYRA
;
_entity_poly.pdbx_strand_id   A,B
#
# COMPACT_ATOMS: atom_id res chain seq x y z
N MET A 1 5.21 -7.16 25.95
CA MET A 1 3.95 -6.59 26.57
C MET A 1 2.66 -6.66 25.69
N ALA A 2 1.97 -7.78 25.85
CA ALA A 2 0.61 -8.08 25.29
C ALA A 2 0.61 -9.37 24.44
N ILE A 3 1.69 -10.15 24.61
CA ILE A 3 2.07 -11.22 23.67
C ILE A 3 1.12 -12.41 23.88
N PRO A 4 0.64 -13.03 22.77
CA PRO A 4 -0.07 -14.32 22.81
C PRO A 4 0.90 -15.42 23.30
N ALA A 5 0.43 -16.58 23.72
CA ALA A 5 1.36 -17.71 23.87
C ALA A 5 2.30 -17.76 22.66
N PHE A 6 3.58 -17.99 22.92
CA PHE A 6 4.61 -18.26 21.89
C PHE A 6 5.58 -19.29 22.48
N HIS A 7 5.61 -20.46 21.84
CA HIS A 7 6.56 -21.52 22.22
C HIS A 7 7.72 -21.59 21.20
N PRO A 8 8.93 -21.13 21.60
CA PRO A 8 10.10 -21.10 20.74
C PRO A 8 10.43 -22.52 20.33
N GLY A 9 11.05 -22.68 19.18
CA GLY A 9 11.30 -24.03 18.70
C GLY A 9 10.05 -24.83 18.36
N GLU A 10 8.85 -24.33 18.69
CA GLU A 10 7.64 -25.00 18.21
C GLU A 10 6.93 -24.20 17.07
N LEU A 11 6.08 -24.85 16.29
CA LEU A 11 5.21 -24.17 15.38
C LEU A 11 4.06 -23.49 16.15
N ASN A 12 3.99 -22.19 16.06
CA ASN A 12 2.87 -21.48 16.70
C ASN A 12 1.91 -20.97 15.61
N VAL A 13 0.62 -21.31 15.73
CA VAL A 13 -0.35 -21.01 14.67
C VAL A 13 -1.28 -19.91 15.18
N TYR A 14 -1.33 -18.79 14.45
CA TYR A 14 -2.18 -17.65 14.79
C TYR A 14 -3.11 -17.31 13.62
N SER A 15 -4.38 -17.10 13.93
N SER A 15 -4.38 -17.13 13.96
CA SER A 15 -5.31 -16.60 12.92
CA SER A 15 -5.41 -16.70 13.01
C SER A 15 -5.46 -15.11 13.05
C SER A 15 -5.69 -15.20 13.13
N ALA A 16 -5.32 -14.58 14.26
CA ALA A 16 -5.62 -13.13 14.43
C ALA A 16 -4.45 -12.27 13.96
N PRO A 17 -4.73 -11.38 13.03
CA PRO A 17 -3.70 -10.47 12.56
C PRO A 17 -2.98 -9.80 13.75
N GLY A 18 -3.74 -9.36 14.75
CA GLY A 18 -3.20 -8.67 15.90
C GLY A 18 -2.22 -9.51 16.68
N ASP A 19 -2.50 -10.79 16.78
CA ASP A 19 -1.64 -11.72 17.46
C ASP A 19 -0.30 -11.92 16.78
N VAL A 20 -0.29 -12.11 15.47
CA VAL A 20 0.96 -12.34 14.78
C VAL A 20 1.73 -11.01 14.71
N ALA A 21 1.00 -9.89 14.61
CA ALA A 21 1.62 -8.55 14.65
C ALA A 21 2.34 -8.28 16.00
N ASP A 22 1.76 -8.71 17.13
CA ASP A 22 2.40 -8.49 18.44
C ASP A 22 3.52 -9.48 18.63
N VAL A 23 3.33 -10.74 18.22
CA VAL A 23 4.46 -11.69 18.29
C VAL A 23 5.63 -11.20 17.40
N SER A 24 5.35 -10.83 16.15
CA SER A 24 6.41 -10.42 15.24
C SER A 24 7.23 -9.24 15.84
N ARG A 25 6.52 -8.32 16.48
CA ARG A 25 7.07 -7.14 17.07
C ARG A 25 7.97 -7.46 18.27
N ALA A 26 7.50 -8.29 19.19
CA ALA A 26 8.32 -8.81 20.27
C ALA A 26 9.53 -9.50 19.71
N LEU A 27 9.37 -10.44 18.75
CA LEU A 27 10.56 -11.09 18.19
C LEU A 27 11.58 -10.11 17.58
N ARG A 28 11.10 -9.06 16.92
CA ARG A 28 11.95 -8.01 16.34
C ARG A 28 12.74 -7.24 17.43
N LEU A 29 12.10 -6.96 18.56
CA LEU A 29 12.75 -6.30 19.68
C LEU A 29 13.90 -7.09 20.32
N THR A 30 13.85 -8.42 20.25
CA THR A 30 14.95 -9.27 20.71
C THR A 30 16.05 -9.39 19.67
N GLY A 31 15.90 -8.64 18.56
CA GLY A 31 16.88 -8.63 17.49
C GLY A 31 16.86 -9.82 16.54
N ARG A 32 15.81 -10.63 16.57
CA ARG A 32 15.64 -11.64 15.53
C ARG A 32 15.15 -10.99 14.23
N ARG A 33 15.55 -11.54 13.07
CA ARG A 33 15.16 -11.01 11.77
C ARG A 33 13.97 -11.84 11.28
N VAL A 34 12.83 -11.15 11.06
CA VAL A 34 11.58 -11.83 10.77
C VAL A 34 11.47 -12.08 9.26
N MET A 35 11.28 -13.32 8.86
CA MET A 35 11.25 -13.62 7.44
C MET A 35 9.82 -14.04 7.12
N LEU A 36 9.31 -13.57 5.97
CA LEU A 36 7.95 -13.94 5.58
C LEU A 36 7.92 -14.72 4.26
N VAL A 37 7.23 -15.86 4.29
CA VAL A 37 6.94 -16.67 3.15
C VAL A 37 5.40 -16.73 2.92
N PRO A 38 4.86 -15.81 2.11
CA PRO A 38 3.41 -15.76 1.83
C PRO A 38 2.98 -16.88 0.91
N THR A 39 2.01 -17.66 1.33
CA THR A 39 1.56 -18.77 0.53
C THR A 39 0.02 -18.86 0.58
N MET A 40 -0.51 -19.64 -0.33
CA MET A 40 -1.86 -20.05 -0.30
C MET A 40 -2.03 -21.53 0.11
N GLY A 41 -1.03 -22.08 0.79
CA GLY A 41 -1.14 -23.44 1.31
C GLY A 41 -0.82 -24.43 0.21
N ALA A 42 -1.31 -25.66 0.41
CA ALA A 42 -0.95 -26.82 -0.41
C ALA A 42 0.54 -26.83 -0.68
N LEU A 43 1.32 -26.97 0.38
CA LEU A 43 2.75 -26.67 0.26
C LEU A 43 3.48 -27.81 -0.42
N HIS A 44 4.46 -27.43 -1.24
CA HIS A 44 5.31 -28.44 -1.90
C HIS A 44 6.76 -28.04 -1.73
N GLU A 45 7.65 -28.76 -2.42
CA GLU A 45 9.07 -28.57 -2.20
C GLU A 45 9.55 -27.15 -2.53
N GLY A 46 8.89 -26.52 -3.50
CA GLY A 46 9.10 -25.12 -3.81
C GLY A 46 8.92 -24.19 -2.64
N HIS A 47 7.83 -24.35 -1.91
CA HIS A 47 7.59 -23.54 -0.68
C HIS A 47 8.68 -23.83 0.39
N LEU A 48 9.04 -25.11 0.50
CA LEU A 48 10.10 -25.54 1.42
C LEU A 48 11.43 -24.89 1.06
N ALA A 49 11.77 -24.85 -0.24
CA ALA A 49 12.96 -24.08 -0.63
C ALA A 49 12.84 -22.62 -0.17
N LEU A 50 11.64 -22.03 -0.26
CA LEU A 50 11.45 -20.63 0.26
C LEU A 50 11.73 -20.54 1.74
N VAL A 51 11.22 -21.52 2.48
CA VAL A 51 11.36 -21.61 3.93
C VAL A 51 12.85 -21.82 4.30
N ARG A 52 13.53 -22.68 3.54
CA ARG A 52 14.95 -22.96 3.71
C ARG A 52 15.80 -21.76 3.39
N ALA A 53 15.47 -21.01 2.35
CA ALA A 53 16.17 -19.74 2.10
C ALA A 53 16.03 -18.78 3.28
N ALA A 54 14.81 -18.67 3.81
CA ALA A 54 14.50 -17.80 4.96
C ALA A 54 15.26 -18.31 6.20
N LYS A 55 15.23 -19.61 6.41
CA LYS A 55 15.94 -20.23 7.55
C LYS A 55 17.42 -19.92 7.58
N ARG A 56 18.06 -19.87 6.41
CA ARG A 56 19.53 -19.61 6.30
C ARG A 56 20.01 -18.26 6.82
N VAL A 57 19.11 -17.29 6.98
CA VAL A 57 19.52 -15.96 7.50
C VAL A 57 19.76 -16.04 9.04
N PRO A 58 20.97 -15.64 9.53
CA PRO A 58 21.20 -15.77 10.96
C PRO A 58 20.26 -14.86 11.75
N GLY A 59 19.74 -15.40 12.85
CA GLY A 59 18.75 -14.69 13.65
C GLY A 59 17.32 -14.74 13.10
N SER A 60 17.10 -15.58 12.09
CA SER A 60 15.83 -15.57 11.38
C SER A 60 14.78 -16.22 12.27
N VAL A 61 13.58 -15.61 12.29
CA VAL A 61 12.41 -16.40 12.70
C VAL A 61 11.51 -16.42 11.50
N VAL A 62 10.96 -17.58 11.17
CA VAL A 62 10.20 -17.68 9.92
C VAL A 62 8.69 -17.65 10.22
N VAL A 63 8.01 -16.72 9.53
CA VAL A 63 6.51 -16.70 9.41
C VAL A 63 6.08 -17.16 8.02
N VAL A 64 5.26 -18.21 7.96
CA VAL A 64 4.64 -18.65 6.75
C VAL A 64 3.15 -18.28 6.83
N SER A 65 2.65 -17.43 5.90
CA SER A 65 1.26 -17.20 5.94
C SER A 65 0.56 -18.18 4.99
N ILE A 66 -0.65 -18.54 5.33
CA ILE A 66 -1.47 -19.36 4.48
C ILE A 66 -2.86 -18.74 4.40
N PHE A 67 -3.25 -18.28 3.22
CA PHE A 67 -4.46 -17.53 3.05
C PHE A 67 -4.79 -17.60 1.58
N VAL A 68 -5.93 -18.20 1.28
CA VAL A 68 -6.40 -18.35 -0.10
C VAL A 68 -7.21 -17.10 -0.32
N ASN A 69 -6.62 -16.14 -1.00
CA ASN A 69 -7.15 -14.82 -1.04
C ASN A 69 -8.30 -14.81 -1.99
N PRO A 70 -9.54 -14.58 -1.50
CA PRO A 70 -10.63 -14.67 -2.45
C PRO A 70 -10.54 -13.55 -3.51
N MET A 71 -9.82 -12.46 -3.21
CA MET A 71 -9.76 -11.32 -4.14
C MET A 71 -8.79 -11.57 -5.31
N GLN A 72 -8.35 -12.83 -5.40
CA GLN A 72 -7.64 -13.37 -6.58
C GLN A 72 -8.38 -14.62 -7.17
N PHE A 73 -9.69 -14.71 -6.86
CA PHE A 73 -10.66 -15.71 -7.38
C PHE A 73 -12.07 -15.04 -7.51
N GLY A 74 -12.99 -15.56 -8.34
CA GLY A 74 -12.73 -16.55 -9.38
C GLY A 74 -13.25 -15.83 -10.61
N ALA A 75 -14.50 -16.12 -10.98
CA ALA A 75 -15.14 -15.62 -12.24
C ALA A 75 -14.68 -14.23 -12.79
N GLY A 76 -14.02 -14.26 -13.96
CA GLY A 76 -13.40 -15.49 -14.51
C GLY A 76 -12.12 -15.05 -15.21
N GLY A 77 -10.94 -15.54 -14.78
CA GLY A 77 -10.75 -16.46 -13.64
C GLY A 77 -9.97 -15.88 -12.46
N ASP A 78 -9.43 -16.75 -11.61
CA ASP A 78 -9.37 -18.20 -11.90
C ASP A 78 -10.35 -19.09 -11.09
N LEU A 79 -10.76 -20.17 -11.75
CA LEU A 79 -12.03 -20.83 -11.48
C LEU A 79 -11.95 -22.11 -10.61
N ASP A 80 -10.78 -22.38 -10.04
CA ASP A 80 -10.59 -23.59 -9.25
C ASP A 80 -10.79 -23.41 -7.75
N ALA A 81 -11.45 -24.40 -7.15
CA ALA A 81 -11.39 -24.54 -5.72
C ALA A 81 -9.95 -25.03 -5.49
N TYR A 82 -9.14 -24.11 -4.97
CA TYR A 82 -7.68 -24.23 -4.88
C TYR A 82 -7.34 -25.35 -3.87
N PRO A 83 -6.27 -26.14 -4.14
CA PRO A 83 -6.09 -27.25 -3.18
C PRO A 83 -5.91 -26.76 -1.74
N ARG A 84 -6.56 -27.46 -0.81
CA ARG A 84 -6.41 -27.10 0.59
C ARG A 84 -6.03 -28.37 1.38
N THR A 85 -4.86 -28.32 2.02
CA THR A 85 -4.32 -29.46 2.78
C THR A 85 -3.71 -28.87 4.08
N PRO A 86 -4.56 -28.28 4.98
CA PRO A 86 -4.01 -27.46 6.07
C PRO A 86 -3.19 -28.31 7.03
N ASP A 87 -3.62 -29.57 7.23
CA ASP A 87 -2.91 -30.54 8.15
C ASP A 87 -1.49 -30.87 7.71
N ASP A 88 -1.39 -31.35 6.47
CA ASP A 88 -0.10 -31.69 5.90
C ASP A 88 0.77 -30.44 5.87
N ASP A 89 0.14 -29.32 5.52
CA ASP A 89 0.81 -28.02 5.45
C ASP A 89 1.58 -27.73 6.74
N LEU A 90 0.90 -27.82 7.87
CA LEU A 90 1.49 -27.49 9.16
C LEU A 90 2.48 -28.58 9.55
N ALA A 91 2.22 -29.83 9.18
CA ALA A 91 3.19 -30.90 9.47
C ALA A 91 4.48 -30.70 8.65
N GLN A 92 4.36 -30.20 7.42
CA GLN A 92 5.58 -29.81 6.67
C GLN A 92 6.31 -28.66 7.33
N LEU A 93 5.59 -27.66 7.81
CA LEU A 93 6.21 -26.52 8.46
C LEU A 93 6.92 -26.94 9.77
N ARG A 94 6.25 -27.72 10.59
CA ARG A 94 6.87 -28.37 11.75
C ARG A 94 8.21 -29.01 11.45
N ALA A 95 8.22 -29.87 10.44
CA ALA A 95 9.41 -30.67 10.12
C ALA A 95 10.55 -29.77 9.71
N GLU A 96 10.22 -28.58 9.22
CA GLU A 96 11.20 -27.65 8.73
C GLU A 96 11.58 -26.69 9.82
N GLY A 97 10.99 -26.83 11.01
CA GLY A 97 11.39 -25.92 12.06
C GLY A 97 10.93 -24.47 11.95
N VAL A 98 9.90 -24.23 11.13
CA VAL A 98 9.17 -22.94 11.15
C VAL A 98 8.44 -22.71 12.47
N GLU A 99 8.57 -21.51 13.04
CA GLU A 99 7.99 -21.23 14.35
C GLU A 99 6.63 -20.52 14.32
N ILE A 100 6.36 -19.76 13.26
CA ILE A 100 5.05 -19.07 13.06
C ILE A 100 4.27 -19.43 11.75
N ALA A 101 3.04 -19.93 11.94
CA ALA A 101 2.08 -20.02 10.86
C ALA A 101 0.92 -19.01 11.08
N PHE A 102 0.70 -18.16 10.08
CA PHE A 102 -0.38 -17.20 10.13
C PHE A 102 -1.48 -17.64 9.15
N THR A 103 -2.64 -17.98 9.67
CA THR A 103 -3.74 -18.55 8.88
C THR A 103 -5.01 -17.70 9.18
N PRO A 104 -5.05 -16.44 8.67
CA PRO A 104 -6.23 -15.57 8.92
C PRO A 104 -7.54 -16.04 8.21
N THR A 105 -8.69 -15.63 8.74
CA THR A 105 -9.96 -15.71 8.12
C THR A 105 -10.11 -14.61 7.10
N THR A 106 -11.03 -14.79 6.17
CA THR A 106 -11.39 -13.75 5.26
C THR A 106 -11.97 -12.53 5.98
N ALA A 107 -12.72 -12.75 7.04
CA ALA A 107 -13.38 -11.66 7.74
C ALA A 107 -12.34 -10.79 8.42
N ALA A 108 -11.28 -11.38 8.96
CA ALA A 108 -10.22 -10.57 9.60
C ALA A 108 -9.38 -9.79 8.58
N MET A 109 -9.18 -10.32 7.38
CA MET A 109 -8.47 -9.62 6.27
C MET A 109 -9.28 -8.56 5.57
N TYR A 110 -10.60 -8.82 5.44
CA TYR A 110 -11.49 -7.96 4.71
C TYR A 110 -12.75 -7.55 5.50
N PRO A 111 -12.56 -7.00 6.72
CA PRO A 111 -13.68 -6.66 7.62
C PRO A 111 -14.56 -5.56 6.98
N ASP A 112 -14.00 -4.83 5.98
CA ASP A 112 -14.71 -3.78 5.24
C ASP A 112 -14.87 -4.02 3.76
N GLY A 113 -14.77 -5.29 3.35
CA GLY A 113 -14.90 -5.64 1.95
C GLY A 113 -13.72 -5.02 1.19
N LEU A 114 -13.93 -4.66 -0.07
CA LEU A 114 -12.87 -4.04 -0.81
C LEU A 114 -13.08 -2.56 -0.69
N ARG A 115 -12.29 -1.89 0.14
CA ARG A 115 -12.49 -0.50 0.33
C ARG A 115 -11.18 0.13 -0.15
N THR A 116 -10.20 0.31 0.74
CA THR A 116 -8.93 0.88 0.23
C THR A 116 -8.19 -0.27 -0.45
N THR A 117 -7.75 -0.09 -1.69
CA THR A 117 -6.98 -1.21 -2.34
C THR A 117 -5.71 -0.66 -3.05
N VAL A 118 -4.83 -1.55 -3.51
CA VAL A 118 -3.65 -1.11 -4.20
C VAL A 118 -3.92 -1.11 -5.71
N GLN A 119 -3.57 -0.02 -6.37
CA GLN A 119 -3.72 0.03 -7.82
CA GLN A 119 -3.73 0.05 -7.81
C GLN A 119 -2.33 -0.26 -8.42
N PRO A 120 -2.17 -1.44 -9.07
CA PRO A 120 -0.82 -1.76 -9.60
C PRO A 120 -0.51 -0.88 -10.79
N GLY A 121 0.79 -0.80 -11.18
CA GLY A 121 1.15 -0.08 -12.40
C GLY A 121 0.68 -0.83 -13.64
N PRO A 122 0.95 -0.28 -14.83
CA PRO A 122 0.37 -0.90 -16.05
C PRO A 122 0.99 -2.27 -16.48
N LEU A 123 2.13 -2.68 -15.89
CA LEU A 123 2.53 -4.09 -16.08
C LEU A 123 1.40 -5.07 -15.70
N ALA A 124 0.52 -4.69 -14.78
CA ALA A 124 -0.54 -5.63 -14.30
C ALA A 124 -1.62 -5.91 -15.37
N ALA A 125 -1.66 -5.08 -16.40
CA ALA A 125 -2.62 -5.31 -17.47
C ALA A 125 -2.09 -6.20 -18.58
N GLU A 126 -0.83 -6.60 -18.48
CA GLU A 126 -0.18 -7.40 -19.52
C GLU A 126 -0.07 -8.87 -19.08
N LEU A 127 0.08 -9.76 -20.06
CA LEU A 127 0.43 -11.16 -19.84
C LEU A 127 -0.60 -11.87 -18.98
N GLU A 128 -0.30 -12.11 -17.71
CA GLU A 128 -1.29 -12.75 -16.87
C GLU A 128 -2.48 -11.81 -16.65
N GLY A 129 -2.27 -10.50 -16.78
CA GLY A 129 -3.31 -9.54 -16.48
C GLY A 129 -4.27 -9.22 -17.63
N GLY A 130 -3.89 -9.56 -18.85
CA GLY A 130 -4.73 -9.29 -20.05
C GLY A 130 -6.20 -9.72 -19.93
N PRO A 131 -6.45 -11.02 -19.69
CA PRO A 131 -7.79 -11.56 -19.53
C PRO A 131 -8.43 -11.42 -18.12
N ARG A 132 -7.65 -10.91 -17.15
CA ARG A 132 -8.02 -10.92 -15.73
C ARG A 132 -7.40 -9.68 -15.06
N PRO A 133 -7.94 -8.52 -15.41
CA PRO A 133 -7.45 -7.14 -15.26
C PRO A 133 -7.34 -6.57 -13.84
N THR A 134 -8.04 -7.18 -12.89
CA THR A 134 -7.98 -6.86 -11.44
C THR A 134 -7.25 -7.93 -10.58
N HIS A 135 -6.67 -8.97 -11.21
CA HIS A 135 -6.01 -10.05 -10.47
C HIS A 135 -4.86 -9.54 -9.63
N PHE A 136 -3.95 -8.80 -10.27
CA PHE A 136 -2.79 -8.31 -9.58
C PHE A 136 -3.10 -7.29 -8.52
N ALA A 137 -4.25 -6.63 -8.64
CA ALA A 137 -4.66 -5.68 -7.62
C ALA A 137 -4.92 -6.45 -6.35
N GLY A 138 -5.40 -7.65 -6.53
CA GLY A 138 -5.80 -8.52 -5.43
C GLY A 138 -4.53 -9.09 -4.83
N VAL A 139 -3.58 -9.52 -5.65
CA VAL A 139 -2.30 -10.00 -5.11
C VAL A 139 -1.64 -8.87 -4.31
N LEU A 140 -1.56 -7.64 -4.86
CA LEU A 140 -0.71 -6.61 -4.27
C LEU A 140 -1.37 -6.05 -3.02
N THR A 141 -2.70 -6.06 -3.03
CA THR A 141 -3.45 -5.67 -1.81
C THR A 141 -3.19 -6.65 -0.69
N VAL A 142 -3.34 -7.95 -0.92
CA VAL A 142 -3.14 -8.87 0.20
C VAL A 142 -1.65 -8.87 0.62
N VAL A 143 -0.74 -8.79 -0.38
CA VAL A 143 0.70 -8.84 -0.01
C VAL A 143 1.10 -7.60 0.83
N LEU A 144 0.68 -6.38 0.43
CA LEU A 144 0.86 -5.17 1.27
C LEU A 144 0.33 -5.44 2.68
N LYS A 145 -0.89 -5.97 2.80
CA LYS A 145 -1.47 -6.22 4.12
C LYS A 145 -0.62 -7.19 4.95
N LEU A 146 -0.25 -8.36 4.36
CA LEU A 146 0.63 -9.32 5.03
C LEU A 146 1.92 -8.66 5.52
N LEU A 147 2.50 -7.78 4.72
CA LEU A 147 3.73 -7.06 5.04
C LEU A 147 3.60 -6.07 6.18
N GLN A 148 2.42 -5.46 6.31
CA GLN A 148 2.14 -4.51 7.39
C GLN A 148 1.84 -5.22 8.68
N ILE A 149 1.20 -6.37 8.60
CA ILE A 149 0.86 -7.16 9.77
C ILE A 149 2.14 -7.77 10.37
N VAL A 150 2.90 -8.44 9.52
CA VAL A 150 4.07 -9.18 9.96
C VAL A 150 5.33 -8.27 10.05
N ARG A 151 5.42 -7.22 9.23
CA ARG A 151 6.66 -6.40 9.16
C ARG A 151 7.99 -7.21 9.10
N PRO A 152 8.15 -8.06 8.07
CA PRO A 152 9.41 -8.79 7.98
C PRO A 152 10.57 -7.96 7.45
N ASP A 153 11.79 -8.43 7.72
CA ASP A 153 12.96 -7.82 7.10
CA ASP A 153 13.03 -7.92 7.10
C ASP A 153 13.10 -8.25 5.62
N ARG A 154 12.75 -9.50 5.33
CA ARG A 154 12.75 -9.96 3.95
C ARG A 154 11.51 -10.78 3.72
N VAL A 155 11.09 -10.82 2.45
CA VAL A 155 9.95 -11.63 2.03
C VAL A 155 10.35 -12.47 0.83
N PHE A 156 9.87 -13.70 0.80
CA PHE A 156 10.41 -14.69 -0.13
C PHE A 156 9.32 -15.18 -1.05
N PHE A 157 9.63 -15.11 -2.34
CA PHE A 157 8.74 -15.54 -3.43
C PHE A 157 9.44 -16.45 -4.43
N GLY A 158 8.72 -17.41 -4.97
CA GLY A 158 9.28 -18.13 -6.11
C GLY A 158 9.36 -17.27 -7.37
N GLU A 159 10.31 -17.63 -8.24
CA GLU A 159 10.53 -16.98 -9.53
C GLU A 159 9.56 -17.51 -10.64
N LYS A 160 8.86 -18.61 -10.37
N LYS A 160 8.87 -18.60 -10.35
CA LYS A 160 7.94 -19.18 -11.36
CA LYS A 160 7.94 -19.21 -11.30
C LYS A 160 6.89 -18.14 -11.79
C LYS A 160 6.82 -18.24 -11.76
N ASP A 161 6.26 -17.49 -10.83
CA ASP A 161 5.25 -16.52 -11.12
C ASP A 161 6.01 -15.22 -11.29
N TYR A 162 6.62 -15.02 -12.45
CA TYR A 162 7.66 -14.03 -12.54
C TYR A 162 7.07 -12.62 -12.61
N GLN A 163 5.94 -12.48 -13.31
CA GLN A 163 5.22 -11.20 -13.40
C GLN A 163 4.79 -10.70 -12.01
N GLN A 164 4.24 -11.61 -11.21
CA GLN A 164 3.84 -11.29 -9.85
C GLN A 164 5.02 -10.79 -9.01
N LEU A 165 6.19 -11.44 -9.12
CA LEU A 165 7.40 -11.03 -8.41
C LEU A 165 7.86 -9.65 -8.77
N VAL A 166 7.88 -9.36 -10.06
CA VAL A 166 8.24 -8.03 -10.53
C VAL A 166 7.26 -6.99 -9.94
N LEU A 167 5.96 -7.28 -9.97
CA LEU A 167 4.94 -6.33 -9.49
C LEU A 167 5.08 -6.10 -7.98
N ILE A 168 5.48 -7.14 -7.26
CA ILE A 168 5.75 -7.03 -5.83
C ILE A 168 7.00 -6.23 -5.53
N ARG A 169 8.02 -6.34 -6.39
CA ARG A 169 9.19 -5.42 -6.28
C ARG A 169 8.77 -3.98 -6.56
N GLN A 170 7.88 -3.82 -7.55
CA GLN A 170 7.27 -2.54 -7.86
C GLN A 170 6.56 -1.93 -6.62
N LEU A 171 5.68 -2.71 -5.99
CA LEU A 171 4.97 -2.35 -4.74
C LEU A 171 5.88 -1.86 -3.62
N VAL A 172 6.87 -2.69 -3.28
CA VAL A 172 7.87 -2.40 -2.28
C VAL A 172 8.70 -1.11 -2.60
N ALA A 173 9.20 -0.97 -3.82
CA ALA A 173 9.83 0.28 -4.24
C ALA A 173 8.87 1.46 -4.09
N ASP A 174 7.75 1.38 -4.78
CA ASP A 174 6.84 2.51 -4.90
C ASP A 174 6.24 2.97 -3.58
N PHE A 175 5.93 2.05 -2.64
CA PHE A 175 5.41 2.51 -1.33
C PHE A 175 6.50 2.62 -0.26
N ASN A 176 7.77 2.51 -0.67
CA ASN A 176 8.90 2.73 0.28
C ASN A 176 8.87 1.74 1.41
N LEU A 177 8.51 0.49 1.09
CA LEU A 177 8.40 -0.50 2.11
C LEU A 177 9.81 -0.92 2.53
N ASP A 178 10.03 -0.96 3.84
CA ASP A 178 11.36 -1.28 4.33
C ASP A 178 11.53 -2.82 4.45
N VAL A 179 11.51 -3.53 3.30
CA VAL A 179 11.60 -5.02 3.23
C VAL A 179 12.39 -5.39 2.00
N ALA A 180 13.13 -6.49 2.05
CA ALA A 180 13.90 -6.96 0.88
C ALA A 180 13.08 -8.06 0.28
N VAL A 181 12.89 -8.00 -1.03
CA VAL A 181 12.11 -9.02 -1.71
C VAL A 181 13.11 -10.05 -2.25
N VAL A 182 13.03 -11.29 -1.80
CA VAL A 182 13.97 -12.30 -2.24
C VAL A 182 13.30 -13.25 -3.26
N GLY A 183 13.77 -13.26 -4.51
CA GLY A 183 13.20 -14.21 -5.48
C GLY A 183 14.07 -15.44 -5.37
N VAL A 184 13.48 -16.62 -5.37
CA VAL A 184 14.20 -17.88 -5.25
C VAL A 184 13.96 -18.70 -6.51
N PRO A 185 15.03 -19.27 -7.14
CA PRO A 185 14.85 -20.03 -8.38
C PRO A 185 13.81 -21.14 -8.24
N THR A 186 13.07 -21.37 -9.30
CA THR A 186 11.97 -22.34 -9.29
C THR A 186 12.44 -23.77 -8.99
N VAL A 187 11.77 -24.43 -8.07
CA VAL A 187 12.00 -25.83 -7.83
C VAL A 187 11.22 -26.59 -8.91
N ARG A 188 11.83 -27.65 -9.44
CA ARG A 188 11.22 -28.43 -10.53
C ARG A 188 11.10 -29.91 -10.21
N GLU A 189 10.12 -30.58 -10.82
CA GLU A 189 10.11 -32.06 -10.80
C GLU A 189 11.31 -32.56 -11.63
N ALA A 190 11.54 -33.87 -11.56
CA ALA A 190 12.70 -34.52 -12.16
C ALA A 190 12.77 -34.36 -13.68
N ASP A 191 11.62 -34.36 -14.35
CA ASP A 191 11.59 -34.13 -15.80
C ASP A 191 11.63 -32.62 -16.15
N GLY A 192 11.73 -31.74 -15.16
CA GLY A 192 11.82 -30.30 -15.39
C GLY A 192 10.55 -29.46 -15.16
N LEU A 193 9.42 -30.11 -14.95
CA LEU A 193 8.21 -29.34 -14.72
C LEU A 193 8.34 -28.49 -13.46
N ALA A 194 8.06 -27.19 -13.60
CA ALA A 194 8.02 -26.27 -12.49
C ALA A 194 6.97 -26.75 -11.49
N MET A 195 7.39 -26.80 -10.22
CA MET A 195 6.44 -27.14 -9.18
C MET A 195 5.31 -26.12 -9.06
N SER A 196 4.12 -26.64 -8.81
CA SER A 196 2.95 -25.83 -8.56
C SER A 196 1.92 -26.71 -7.90
N SER A 197 1.18 -26.10 -6.95
CA SER A 197 0.09 -26.80 -6.25
C SER A 197 -0.95 -27.29 -7.26
N ARG A 198 -1.03 -26.61 -8.41
CA ARG A 198 -2.03 -26.95 -9.44
C ARG A 198 -1.63 -28.04 -10.42
N ASN A 199 -0.41 -28.57 -10.26
CA ASN A 199 0.10 -29.68 -11.08
C ASN A 199 -0.70 -31.00 -10.87
N ARG A 200 -1.31 -31.10 -9.69
CA ARG A 200 -2.08 -32.30 -9.28
C ARG A 200 -3.35 -32.39 -10.10
N TYR A 201 -3.76 -31.25 -10.66
CA TYR A 201 -4.93 -31.19 -11.56
C TYR A 201 -4.78 -31.94 -12.88
N LEU A 202 -3.53 -32.15 -13.29
CA LEU A 202 -3.18 -32.71 -14.61
C LEU A 202 -3.51 -34.19 -14.66
N ASP A 203 -4.27 -34.66 -15.66
CA ASP A 203 -4.44 -36.12 -15.82
C ASP A 203 -3.15 -36.73 -16.42
N PRO A 204 -2.97 -38.06 -16.41
CA PRO A 204 -1.73 -38.69 -16.94
C PRO A 204 -1.17 -38.19 -18.27
N ALA A 205 -1.99 -38.21 -19.33
CA ALA A 205 -1.60 -37.67 -20.63
C ALA A 205 -1.08 -36.22 -20.45
N GLN A 206 -1.87 -35.39 -19.76
CA GLN A 206 -1.50 -33.99 -19.51
C GLN A 206 -0.19 -33.80 -18.72
N ARG A 207 0.03 -34.63 -17.70
CA ARG A 207 1.25 -34.50 -16.91
C ARG A 207 2.48 -34.77 -17.78
N ALA A 208 2.35 -35.72 -18.68
CA ALA A 208 3.39 -36.14 -19.64
C ALA A 208 3.74 -35.01 -20.67
N ALA A 209 2.72 -34.50 -21.35
CA ALA A 209 2.81 -33.33 -22.24
C ALA A 209 3.29 -32.04 -21.52
N ALA A 210 2.96 -31.87 -20.22
CA ALA A 210 3.29 -30.62 -19.50
C ALA A 210 4.79 -30.35 -19.41
N VAL A 211 5.60 -31.42 -19.53
CA VAL A 211 7.09 -31.37 -19.60
C VAL A 211 7.56 -30.41 -20.72
N ALA A 212 6.70 -30.20 -21.73
CA ALA A 212 6.98 -29.39 -22.95
C ALA A 212 7.27 -27.94 -22.62
N LEU A 213 6.75 -27.47 -21.49
CA LEU A 213 6.96 -26.09 -21.13
C LEU A 213 8.41 -25.83 -20.77
N SER A 214 8.96 -26.62 -19.84
CA SER A 214 10.31 -26.51 -19.40
C SER A 214 11.28 -26.97 -20.50
N ALA A 215 10.86 -27.94 -21.31
CA ALA A 215 11.68 -28.42 -22.45
C ALA A 215 11.86 -27.32 -23.53
N ALA A 216 10.76 -26.66 -23.88
CA ALA A 216 10.73 -25.42 -24.71
C ALA A 216 11.67 -24.30 -24.23
N LEU A 217 11.54 -23.95 -22.94
CA LEU A 217 12.30 -22.90 -22.39
C LEU A 217 13.76 -23.27 -22.41
N THR A 218 14.10 -24.50 -22.02
N THR A 218 14.13 -24.49 -22.01
CA THR A 218 15.49 -24.93 -22.01
CA THR A 218 15.56 -24.84 -22.04
C THR A 218 16.05 -24.99 -23.44
C THR A 218 16.09 -25.00 -23.46
N ALA A 219 15.25 -25.48 -24.38
CA ALA A 219 15.66 -25.55 -25.80
C ALA A 219 15.97 -24.13 -26.29
N ALA A 220 15.05 -23.18 -25.98
CA ALA A 220 15.23 -21.73 -26.31
C ALA A 220 16.50 -21.16 -25.71
N ALA A 221 16.78 -21.46 -24.45
CA ALA A 221 17.97 -20.89 -23.81
C ALA A 221 19.25 -21.30 -24.50
N HIS A 222 19.27 -22.50 -25.09
CA HIS A 222 20.44 -23.02 -25.86
C HIS A 222 20.45 -22.64 -27.31
N ALA A 223 19.29 -22.56 -27.93
CA ALA A 223 19.17 -21.99 -29.26
C ALA A 223 19.58 -20.53 -29.36
N ALA A 224 19.53 -19.80 -28.25
CA ALA A 224 19.64 -18.30 -28.26
C ALA A 224 21.00 -17.80 -28.72
N THR A 225 22.03 -18.65 -28.71
N THR A 225 22.00 -18.67 -28.70
CA THR A 225 23.29 -18.26 -29.36
CA THR A 225 23.28 -18.33 -29.30
C THR A 225 22.98 -17.77 -30.76
C THR A 225 23.09 -17.95 -30.78
N ALA A 226 22.00 -18.40 -31.40
CA ALA A 226 21.73 -18.08 -32.80
C ALA A 226 20.75 -16.92 -32.95
N GLY A 227 20.31 -16.34 -31.82
CA GLY A 227 19.45 -15.15 -31.83
C GLY A 227 18.04 -15.41 -31.26
N ALA A 228 17.23 -14.34 -31.14
CA ALA A 228 15.92 -14.33 -30.46
C ALA A 228 14.94 -15.07 -31.32
N GLN A 229 15.09 -14.97 -32.64
CA GLN A 229 14.13 -15.63 -33.51
C GLN A 229 14.31 -17.16 -33.39
N ALA A 230 15.56 -17.63 -33.41
CA ALA A 230 15.86 -19.04 -33.20
C ALA A 230 15.38 -19.54 -31.82
N ALA A 231 15.65 -18.77 -30.75
CA ALA A 231 15.23 -19.13 -29.41
C ALA A 231 13.69 -19.32 -29.36
N LEU A 232 12.96 -18.30 -29.84
CA LEU A 232 11.50 -18.35 -29.85
C LEU A 232 10.88 -19.49 -30.68
N ASP A 233 11.43 -19.68 -31.88
CA ASP A 233 10.99 -20.70 -32.79
C ASP A 233 11.34 -22.08 -32.27
N ALA A 234 12.50 -22.23 -31.62
CA ALA A 234 12.80 -23.52 -31.00
C ALA A 234 11.78 -23.82 -29.89
N ALA A 235 11.49 -22.84 -29.04
CA ALA A 235 10.50 -23.02 -27.94
C ALA A 235 9.14 -23.38 -28.54
N ARG A 236 8.67 -22.60 -29.54
CA ARG A 236 7.34 -22.87 -30.15
CA ARG A 236 7.35 -22.85 -30.16
C ARG A 236 7.25 -24.26 -30.81
N ALA A 237 8.35 -24.71 -31.43
CA ALA A 237 8.36 -26.07 -32.09
C ALA A 237 8.17 -27.16 -31.03
N VAL A 238 8.82 -27.02 -29.86
CA VAL A 238 8.67 -27.99 -28.75
C VAL A 238 7.18 -28.02 -28.26
N LEU A 239 6.63 -26.84 -28.03
CA LEU A 239 5.29 -26.63 -27.58
C LEU A 239 4.30 -27.25 -28.58
N ASP A 240 4.52 -26.96 -29.86
CA ASP A 240 3.72 -27.55 -30.97
C ASP A 240 3.82 -29.09 -31.14
N ALA A 241 4.93 -29.69 -30.69
CA ALA A 241 5.08 -31.17 -30.73
C ALA A 241 4.35 -31.91 -29.58
N ALA A 242 3.87 -31.18 -28.59
CA ALA A 242 3.25 -31.75 -27.40
C ALA A 242 1.76 -31.74 -27.56
N PRO A 243 1.13 -32.92 -27.47
CA PRO A 243 -0.28 -33.00 -27.81
C PRO A 243 -1.12 -32.41 -26.67
N GLY A 244 -2.08 -31.58 -26.99
CA GLY A 244 -2.98 -31.09 -25.93
C GLY A 244 -2.51 -29.83 -25.23
N VAL A 245 -1.33 -29.33 -25.61
CA VAL A 245 -0.82 -28.07 -25.11
C VAL A 245 -1.32 -26.89 -25.98
N ALA A 246 -1.99 -25.93 -25.34
CA ALA A 246 -2.43 -24.73 -26.05
C ALA A 246 -1.79 -23.48 -25.47
N VAL A 247 -0.91 -22.91 -26.29
CA VAL A 247 -0.12 -21.77 -25.95
C VAL A 247 -0.92 -20.47 -25.77
N ASP A 248 -0.81 -19.90 -24.57
N ASP A 248 -0.83 -19.87 -24.58
CA ASP A 248 -1.36 -18.60 -24.27
CA ASP A 248 -1.41 -18.53 -24.39
C ASP A 248 -0.40 -17.53 -24.79
C ASP A 248 -0.40 -17.43 -24.76
N TYR A 249 0.84 -17.56 -24.29
CA TYR A 249 1.92 -16.71 -24.83
C TYR A 249 3.30 -17.32 -24.65
N LEU A 250 4.23 -16.83 -25.43
CA LEU A 250 5.59 -17.18 -25.31
C LEU A 250 6.31 -15.88 -25.59
N GLU A 251 6.95 -15.29 -24.59
CA GLU A 251 7.47 -13.93 -24.74
C GLU A 251 8.79 -13.62 -24.08
N LEU A 252 9.65 -12.91 -24.81
CA LEU A 252 10.92 -12.42 -24.36
C LEU A 252 10.74 -11.03 -23.74
N ARG A 253 11.39 -10.78 -22.58
CA ARG A 253 11.28 -9.51 -21.92
C ARG A 253 12.60 -9.17 -21.24
N ASP A 254 12.81 -7.92 -20.88
CA ASP A 254 13.93 -7.68 -19.96
C ASP A 254 13.62 -8.20 -18.52
N ILE A 255 14.62 -8.19 -17.62
CA ILE A 255 14.35 -8.60 -16.24
C ILE A 255 13.24 -7.88 -15.48
N GLY A 256 12.96 -6.62 -15.82
CA GLY A 256 11.82 -5.92 -15.25
C GLY A 256 10.54 -6.02 -16.10
N LEU A 257 10.58 -6.86 -17.14
CA LEU A 257 9.45 -7.09 -18.05
C LEU A 257 9.14 -5.90 -18.99
N GLY A 258 10.13 -5.05 -19.24
CA GLY A 258 10.15 -4.19 -20.39
C GLY A 258 10.64 -4.88 -21.70
N PRO A 259 10.84 -4.11 -22.78
CA PRO A 259 11.28 -4.72 -24.04
C PRO A 259 12.63 -5.43 -23.86
N MET A 260 12.79 -6.55 -24.57
CA MET A 260 14.07 -7.25 -24.60
C MET A 260 14.98 -6.68 -25.75
N PRO A 261 16.22 -6.26 -25.46
CA PRO A 261 17.03 -5.88 -26.66
C PRO A 261 17.29 -7.15 -27.45
N LEU A 262 17.44 -7.10 -28.78
CA LEU A 262 18.18 -8.27 -29.19
C LEU A 262 19.69 -8.14 -28.88
N ASN A 263 20.17 -9.18 -28.25
CA ASN A 263 21.53 -9.55 -28.03
C ASN A 263 21.83 -9.31 -26.62
N GLY A 264 20.78 -9.25 -25.82
CA GLY A 264 20.90 -9.02 -24.38
C GLY A 264 20.54 -10.19 -23.46
N SER A 265 20.12 -9.86 -22.26
CA SER A 265 19.90 -10.83 -21.23
C SER A 265 18.51 -10.47 -20.69
N GLY A 266 17.68 -11.46 -20.44
CA GLY A 266 16.32 -11.20 -20.15
C GLY A 266 15.69 -12.46 -19.64
N ARG A 267 14.40 -12.56 -19.88
CA ARG A 267 13.63 -13.65 -19.40
C ARG A 267 12.75 -14.12 -20.52
N LEU A 268 12.62 -15.45 -20.71
CA LEU A 268 11.57 -16.00 -21.55
C LEU A 268 10.47 -16.56 -20.70
N LEU A 269 9.25 -16.09 -20.94
CA LEU A 269 8.08 -16.52 -20.14
C LEU A 269 7.08 -17.21 -21.02
N VAL A 270 6.43 -18.24 -20.48
CA VAL A 270 5.46 -19.04 -21.23
C VAL A 270 4.23 -19.30 -20.37
N ALA A 271 3.07 -19.35 -20.99
CA ALA A 271 1.84 -19.79 -20.31
C ALA A 271 1.11 -20.60 -21.31
N ALA A 272 0.54 -21.71 -20.88
CA ALA A 272 -0.21 -22.58 -21.78
C ALA A 272 -1.31 -23.27 -20.99
N ARG A 273 -2.30 -23.75 -21.73
CA ARG A 273 -3.45 -24.51 -21.18
C ARG A 273 -3.34 -25.99 -21.56
N LEU A 274 -3.56 -26.87 -20.59
CA LEU A 274 -3.69 -28.31 -20.87
C LEU A 274 -5.04 -28.84 -20.41
N GLY A 275 -5.92 -29.22 -21.34
CA GLY A 275 -7.36 -29.22 -21.03
C GLY A 275 -7.76 -27.89 -20.36
N THR A 276 -8.17 -27.96 -19.10
CA THR A 276 -8.66 -26.78 -18.39
C THR A 276 -7.61 -26.16 -17.41
N THR A 277 -6.38 -26.68 -17.43
CA THR A 277 -5.39 -26.25 -16.45
C THR A 277 -4.33 -25.33 -17.07
N ARG A 278 -4.15 -24.16 -16.49
CA ARG A 278 -3.13 -23.23 -16.94
C ARG A 278 -1.83 -23.39 -16.18
N LEU A 279 -0.75 -23.49 -16.93
CA LEU A 279 0.60 -23.57 -16.41
C LEU A 279 1.44 -22.38 -16.85
N LEU A 280 2.31 -21.94 -15.94
CA LEU A 280 3.30 -20.90 -16.23
C LEU A 280 4.69 -21.45 -16.01
N ASP A 281 5.68 -20.86 -16.69
CA ASP A 281 7.09 -21.14 -16.39
C ASP A 281 7.88 -20.00 -17.03
N ASN A 282 9.11 -19.78 -16.59
CA ASN A 282 9.98 -18.78 -17.26
C ASN A 282 11.41 -19.18 -17.05
N ILE A 283 12.32 -18.64 -17.85
CA ILE A 283 13.73 -18.89 -17.61
C ILE A 283 14.52 -17.61 -17.84
N ALA A 284 15.64 -17.45 -17.10
CA ALA A 284 16.71 -16.55 -17.49
C ALA A 284 17.21 -16.92 -18.86
N ILE A 285 17.42 -15.92 -19.69
CA ILE A 285 17.97 -16.24 -20.99
C ILE A 285 18.91 -15.15 -21.47
N GLU A 286 19.91 -15.55 -22.25
CA GLU A 286 20.81 -14.61 -22.90
C GLU A 286 20.85 -14.87 -24.39
N ILE A 287 20.78 -13.80 -25.19
CA ILE A 287 20.61 -13.94 -26.66
C ILE A 287 21.81 -13.45 -27.42
N GLY A 288 22.22 -14.15 -28.48
CA GLY A 288 23.24 -13.69 -29.43
C GLY A 288 24.66 -13.50 -28.89
N THR A 289 25.20 -12.29 -29.10
CA THR A 289 26.54 -11.88 -28.61
C THR A 289 26.62 -11.81 -27.07
N PHE A 290 25.46 -11.97 -26.41
CA PHE A 290 25.41 -12.03 -24.97
C PHE A 290 25.44 -13.48 -24.46
N ALA A 291 25.26 -14.46 -25.37
CA ALA A 291 25.14 -15.90 -24.98
C ALA A 291 26.45 -16.70 -25.11
N GLY A 292 27.52 -16.07 -25.59
CA GLY A 292 28.87 -16.69 -25.53
C GLY A 292 29.39 -16.97 -24.11
N THR A 293 29.90 -18.18 -23.93
CA THR A 293 30.44 -18.66 -22.64
C THR A 293 31.78 -19.39 -22.88
N ASP A 294 32.58 -19.55 -21.81
CA ASP A 294 33.78 -20.40 -21.86
C ASP A 294 33.30 -21.84 -21.93
N ARG A 295 33.57 -22.50 -23.07
CA ARG A 295 32.96 -23.78 -23.44
C ARG A 295 31.95 -23.64 -24.59
N PRO A 296 30.80 -24.35 -24.50
CA PRO A 296 29.68 -24.22 -25.46
C PRO A 296 28.50 -23.36 -24.94
N ASP A 297 27.90 -22.54 -25.80
CA ASP A 297 26.72 -21.75 -25.36
C ASP A 297 25.37 -22.50 -25.16
N GLY A 298 24.60 -22.17 -24.13
CA GLY A 298 24.96 -21.26 -23.05
C GLY A 298 24.37 -21.84 -21.77
N MET B 1 28.50 1.42 7.88
CA MET B 1 27.80 2.71 7.59
C MET B 1 27.07 3.30 8.81
N ALA B 2 27.40 4.57 9.11
CA ALA B 2 26.86 5.30 10.26
C ALA B 2 25.38 5.66 10.10
N ILE B 3 24.66 5.69 11.23
CA ILE B 3 23.34 6.37 11.35
C ILE B 3 23.60 7.84 10.95
N PRO B 4 22.73 8.45 10.10
CA PRO B 4 22.99 9.83 9.69
C PRO B 4 23.08 10.82 10.86
N ALA B 5 23.58 12.01 10.58
CA ALA B 5 23.79 13.03 11.61
C ALA B 5 22.48 13.59 12.20
N PHE B 6 22.27 13.33 13.49
CA PHE B 6 21.18 13.99 14.25
C PHE B 6 21.64 14.77 15.52
N HIS B 7 21.34 16.08 15.52
CA HIS B 7 21.64 17.03 16.64
C HIS B 7 20.42 17.36 17.58
N PRO B 8 20.19 16.55 18.64
CA PRO B 8 19.05 16.69 19.57
C PRO B 8 18.80 18.12 20.03
N GLY B 9 17.55 18.55 20.09
CA GLY B 9 17.21 19.92 20.42
C GLY B 9 17.59 20.97 19.39
N GLU B 10 18.14 20.56 18.25
CA GLU B 10 18.19 21.46 17.11
C GLU B 10 17.21 20.96 16.02
N LEU B 11 16.97 21.79 15.01
CA LEU B 11 16.19 21.40 13.84
C LEU B 11 17.07 20.68 12.81
N ASN B 12 16.84 19.37 12.60
CA ASN B 12 17.64 18.61 11.65
C ASN B 12 16.86 18.35 10.36
N VAL B 13 17.33 18.92 9.25
CA VAL B 13 16.64 18.95 7.95
C VAL B 13 17.20 17.92 6.93
N TYR B 14 16.40 16.88 6.63
CA TYR B 14 16.80 15.81 5.75
C TYR B 14 15.98 15.89 4.48
N SER B 15 16.65 15.75 3.33
CA SER B 15 15.97 15.71 2.05
C SER B 15 15.88 14.30 1.44
N ALA B 16 16.75 13.40 1.90
CA ALA B 16 16.76 12.03 1.39
C ALA B 16 15.88 11.23 2.30
N PRO B 17 14.90 10.51 1.74
CA PRO B 17 14.01 9.59 2.42
C PRO B 17 14.79 8.60 3.28
N GLY B 18 15.90 8.09 2.71
CA GLY B 18 16.75 7.11 3.40
C GLY B 18 17.27 7.68 4.68
N ASP B 19 17.72 8.94 4.61
CA ASP B 19 18.25 9.66 5.77
C ASP B 19 17.25 9.66 6.94
N VAL B 20 16.02 10.09 6.62
CA VAL B 20 14.99 10.27 7.64
C VAL B 20 14.53 8.96 8.21
N ALA B 21 14.43 7.94 7.37
CA ALA B 21 14.06 6.61 7.83
C ALA B 21 15.10 6.06 8.81
N ASP B 22 16.38 6.31 8.52
CA ASP B 22 17.50 5.85 9.38
C ASP B 22 17.44 6.58 10.73
N VAL B 23 17.48 7.91 10.70
CA VAL B 23 17.37 8.72 11.93
C VAL B 23 16.18 8.37 12.83
N SER B 24 15.03 8.08 12.21
CA SER B 24 13.77 7.79 12.94
C SER B 24 13.82 6.40 13.56
N ARG B 25 14.36 5.43 12.80
CA ARG B 25 14.65 4.09 13.34
C ARG B 25 15.52 4.20 14.59
N ALA B 26 16.66 4.88 14.46
CA ALA B 26 17.61 5.13 15.57
C ALA B 26 16.93 5.64 16.84
N LEU B 27 16.16 6.72 16.73
CA LEU B 27 15.45 7.32 17.90
C LEU B 27 14.35 6.44 18.50
N ARG B 28 13.63 5.71 17.66
CA ARG B 28 12.58 4.82 18.17
C ARG B 28 13.24 3.78 19.09
N LEU B 29 14.46 3.39 18.72
CA LEU B 29 15.33 2.48 19.50
C LEU B 29 16.06 3.15 20.70
N THR B 30 16.34 4.45 20.63
CA THR B 30 16.85 5.16 21.82
C THR B 30 15.72 5.66 22.73
N GLY B 31 14.54 5.07 22.65
CA GLY B 31 13.44 5.52 23.50
C GLY B 31 12.86 6.93 23.25
N ARG B 32 12.49 7.21 21.99
CA ARG B 32 11.65 8.35 21.64
C ARG B 32 10.38 7.83 20.98
N ARG B 33 9.26 8.51 21.15
CA ARG B 33 8.14 8.23 20.26
C ARG B 33 8.16 9.19 19.05
N VAL B 34 8.17 8.65 17.83
CA VAL B 34 8.22 9.48 16.61
C VAL B 34 6.83 10.01 16.19
N MET B 35 6.66 11.33 16.10
CA MET B 35 5.38 11.96 15.72
C MET B 35 5.53 12.56 14.33
N LEU B 36 4.57 12.33 13.43
CA LEU B 36 4.67 12.88 12.07
C LEU B 36 3.61 13.92 11.80
N VAL B 37 4.01 15.08 11.26
CA VAL B 37 3.08 16.12 10.86
C VAL B 37 3.20 16.39 9.37
N PRO B 38 2.35 15.77 8.54
CA PRO B 38 2.55 16.03 7.12
C PRO B 38 1.95 17.35 6.68
N THR B 39 2.74 18.13 5.96
CA THR B 39 2.35 19.48 5.49
C THR B 39 2.77 19.70 4.06
N MET B 40 2.20 20.74 3.46
CA MET B 40 2.63 21.19 2.15
C MET B 40 3.40 22.55 2.25
N GLY B 41 3.98 22.83 3.43
CA GLY B 41 4.60 24.13 3.68
C GLY B 41 3.57 25.24 3.62
N ALA B 42 4.03 26.46 3.36
CA ALA B 42 3.23 27.67 3.66
C ALA B 42 2.60 27.58 5.07
N LEU B 43 3.44 27.34 6.08
CA LEU B 43 2.94 26.95 7.40
C LEU B 43 2.20 28.10 8.14
N HIS B 44 1.09 27.79 8.83
CA HIS B 44 0.36 28.81 9.60
C HIS B 44 -0.01 28.27 10.96
N GLU B 45 -0.75 29.08 11.72
CA GLU B 45 -1.08 28.77 13.10
CA GLU B 45 -1.10 28.79 13.10
C GLU B 45 -1.77 27.44 13.20
N GLY B 46 -2.43 27.03 12.10
CA GLY B 46 -3.08 25.74 12.04
C GLY B 46 -2.07 24.57 12.10
N HIS B 47 -1.10 24.56 11.20
CA HIS B 47 0.03 23.63 11.32
C HIS B 47 0.78 23.68 12.66
N LEU B 48 0.89 24.86 13.29
CA LEU B 48 1.63 24.96 14.52
C LEU B 48 0.87 24.27 15.57
N ALA B 49 -0.46 24.27 15.43
CA ALA B 49 -1.28 23.55 16.37
C ALA B 49 -1.05 22.05 16.22
N LEU B 50 -0.76 21.56 15.02
CA LEU B 50 -0.52 20.10 14.80
C LEU B 50 0.80 19.78 15.49
N VAL B 51 1.80 20.60 15.21
CA VAL B 51 3.10 20.62 15.90
C VAL B 51 3.02 20.61 17.43
N ARG B 52 2.17 21.44 18.02
CA ARG B 52 2.08 21.48 19.48
C ARG B 52 1.45 20.25 20.10
N ALA B 53 0.48 19.67 19.39
CA ALA B 53 -0.17 18.43 19.82
C ALA B 53 0.88 17.28 19.85
N ALA B 54 1.65 17.14 18.80
CA ALA B 54 2.71 16.14 18.70
C ALA B 54 3.79 16.33 19.82
N LYS B 55 4.28 17.56 19.97
CA LYS B 55 5.28 17.88 21.00
C LYS B 55 4.84 17.42 22.38
N ARG B 56 3.54 17.49 22.69
CA ARG B 56 3.12 17.22 24.06
C ARG B 56 3.19 15.75 24.50
N VAL B 57 3.17 14.84 23.52
CA VAL B 57 3.37 13.40 23.75
C VAL B 57 4.78 13.16 24.39
N PRO B 58 4.83 12.72 25.66
CA PRO B 58 6.11 12.63 26.40
C PRO B 58 7.14 11.72 25.71
N GLY B 59 8.36 12.22 25.50
CA GLY B 59 9.39 11.44 24.81
C GLY B 59 9.32 11.57 23.30
N SER B 60 8.41 12.42 22.82
CA SER B 60 8.25 12.69 21.40
C SER B 60 9.50 13.28 20.77
N VAL B 61 9.76 12.85 19.54
CA VAL B 61 10.49 13.63 18.57
C VAL B 61 9.51 13.88 17.43
N VAL B 62 9.51 15.11 16.93
CA VAL B 62 8.52 15.57 15.97
C VAL B 62 9.15 15.68 14.60
N VAL B 63 8.49 15.04 13.63
CA VAL B 63 8.89 15.09 12.23
C VAL B 63 7.83 15.82 11.43
N VAL B 64 8.25 16.90 10.79
CA VAL B 64 7.38 17.73 9.97
C VAL B 64 7.86 17.54 8.55
N SER B 65 7.02 16.90 7.74
CA SER B 65 7.38 16.69 6.39
C SER B 65 6.85 17.89 5.58
N ILE B 66 7.62 18.34 4.60
CA ILE B 66 7.15 19.42 3.75
C ILE B 66 7.29 18.96 2.32
N PHE B 67 6.17 18.73 1.66
CA PHE B 67 6.20 18.20 0.30
C PHE B 67 4.97 18.61 -0.48
N VAL B 68 5.18 19.27 -1.59
CA VAL B 68 4.05 19.67 -2.41
C VAL B 68 3.84 18.56 -3.43
N ASN B 69 2.78 17.80 -3.17
CA ASN B 69 2.49 16.56 -3.85
C ASN B 69 1.75 16.74 -5.21
N PRO B 70 2.50 16.60 -6.33
CA PRO B 70 1.96 16.87 -7.68
C PRO B 70 0.65 16.10 -7.94
N MET B 71 0.57 14.87 -7.40
CA MET B 71 -0.61 13.97 -7.43
C MET B 71 -1.86 14.46 -6.62
N GLN B 72 -1.70 15.54 -5.85
CA GLN B 72 -2.75 16.11 -4.97
C GLN B 72 -3.40 17.44 -5.43
N PHE B 73 -3.22 18.48 -4.58
CA PHE B 73 -3.73 19.86 -4.77
C PHE B 73 -2.71 20.96 -4.39
N THR B 85 8.06 28.81 -0.32
CA THR B 85 8.31 29.62 0.89
C THR B 85 9.20 28.90 1.95
N PRO B 86 10.26 28.18 1.49
CA PRO B 86 11.03 27.22 2.31
C PRO B 86 11.59 27.69 3.67
N ASP B 87 12.42 28.73 3.67
CA ASP B 87 13.16 29.14 4.88
C ASP B 87 12.31 29.82 5.96
N ASP B 88 11.15 30.32 5.58
CA ASP B 88 10.18 30.88 6.51
C ASP B 88 9.50 29.74 7.33
N ASP B 89 9.25 28.62 6.67
CA ASP B 89 8.62 27.47 7.31
C ASP B 89 9.56 26.87 8.34
N LEU B 90 10.83 26.73 7.96
CA LEU B 90 11.84 26.15 8.83
C LEU B 90 12.13 27.01 10.06
N ALA B 91 12.04 28.34 9.89
CA ALA B 91 12.06 29.29 11.00
C ALA B 91 11.02 28.98 12.07
N GLN B 92 9.76 28.89 11.63
CA GLN B 92 8.62 28.53 12.52
C GLN B 92 8.84 27.23 13.32
N LEU B 93 9.41 26.22 12.65
CA LEU B 93 9.66 24.91 13.22
C LEU B 93 10.77 24.97 14.28
N ARG B 94 11.90 25.59 13.91
CA ARG B 94 12.98 25.89 14.87
C ARG B 94 12.40 26.59 16.10
N ALA B 95 11.69 27.71 15.91
CA ALA B 95 10.93 28.39 16.99
C ALA B 95 9.95 27.48 17.78
N GLU B 96 9.38 26.48 17.10
CA GLU B 96 8.48 25.53 17.77
C GLU B 96 9.21 24.38 18.46
N GLY B 97 10.54 24.34 18.34
CA GLY B 97 11.34 23.25 18.90
C GLY B 97 11.20 21.92 18.13
N VAL B 98 10.91 22.02 16.85
CA VAL B 98 10.81 20.85 16.01
C VAL B 98 12.21 20.34 15.73
N GLU B 99 12.44 19.07 16.07
CA GLU B 99 13.71 18.41 15.82
C GLU B 99 13.96 17.88 14.40
N ILE B 100 12.92 17.45 13.68
CA ILE B 100 13.12 16.99 12.30
C ILE B 100 12.15 17.67 11.34
N ALA B 101 12.70 18.11 10.21
CA ALA B 101 11.95 18.51 9.04
C ALA B 101 12.39 17.55 7.93
N PHE B 102 11.43 17.06 7.16
CA PHE B 102 11.72 16.15 6.06
C PHE B 102 11.24 16.83 4.82
N THR B 103 12.16 17.12 3.92
CA THR B 103 11.85 18.01 2.80
C THR B 103 12.32 17.33 1.52
N PRO B 104 11.59 16.26 1.04
CA PRO B 104 12.05 15.53 -0.14
C PRO B 104 11.70 16.29 -1.42
N THR B 105 12.46 16.01 -2.47
CA THR B 105 12.14 16.44 -3.82
C THR B 105 11.13 15.52 -4.49
N THR B 106 10.56 15.95 -5.60
CA THR B 106 9.54 15.19 -6.30
C THR B 106 10.10 13.92 -6.89
N ALA B 107 11.31 14.01 -7.43
CA ALA B 107 12.02 12.89 -7.99
C ALA B 107 12.35 11.87 -6.92
N ALA B 108 12.68 12.35 -5.71
CA ALA B 108 12.94 11.44 -4.61
C ALA B 108 11.65 10.67 -4.25
N MET B 109 10.52 11.36 -4.22
CA MET B 109 9.24 10.73 -3.85
C MET B 109 8.72 9.87 -4.97
N TYR B 110 8.89 10.33 -6.22
CA TYR B 110 8.38 9.63 -7.39
C TYR B 110 9.47 9.21 -8.42
N PRO B 111 10.49 8.43 -8.01
CA PRO B 111 11.53 8.13 -9.01
C PRO B 111 11.02 7.36 -10.24
N ASP B 112 9.93 6.62 -10.07
CA ASP B 112 9.34 5.87 -11.17
C ASP B 112 8.05 6.44 -11.70
N GLY B 113 7.85 7.73 -11.44
CA GLY B 113 6.61 8.39 -11.83
C GLY B 113 5.41 7.78 -11.14
N LEU B 114 4.27 7.78 -11.83
CA LEU B 114 3.04 7.22 -11.27
C LEU B 114 2.90 5.74 -11.56
N ARG B 115 3.35 4.89 -10.63
CA ARG B 115 3.31 3.45 -10.97
C ARG B 115 2.30 2.71 -10.05
N THR B 116 2.76 2.10 -8.97
CA THR B 116 1.82 1.55 -7.97
C THR B 116 1.17 2.72 -7.18
N THR B 117 -0.16 2.74 -7.05
CA THR B 117 -0.81 3.82 -6.33
C THR B 117 -1.88 3.27 -5.38
N VAL B 118 -2.35 4.10 -4.48
CA VAL B 118 -3.47 3.70 -3.63
C VAL B 118 -4.78 4.04 -4.36
N GLN B 119 -5.66 3.03 -4.42
CA GLN B 119 -7.06 3.22 -4.82
CA GLN B 119 -7.05 3.23 -4.81
C GLN B 119 -7.95 3.33 -3.55
N PRO B 120 -8.50 4.58 -3.24
CA PRO B 120 -9.39 4.84 -2.06
C PRO B 120 -10.67 4.09 -2.24
N GLY B 121 -11.35 3.83 -1.15
CA GLY B 121 -12.70 3.28 -1.26
C GLY B 121 -13.71 4.30 -1.80
N PRO B 122 -15.04 3.95 -1.88
CA PRO B 122 -16.10 4.79 -2.55
C PRO B 122 -16.29 6.17 -1.90
N LEU B 123 -15.99 6.31 -0.61
CA LEU B 123 -16.01 7.67 -0.04
C LEU B 123 -15.26 8.70 -0.90
N ALA B 124 -14.11 8.33 -1.50
CA ALA B 124 -13.37 9.23 -2.39
C ALA B 124 -14.09 9.80 -3.66
N ALA B 125 -15.18 9.17 -4.10
CA ALA B 125 -15.94 9.67 -5.24
C ALA B 125 -17.02 10.70 -4.85
N GLU B 126 -17.08 11.05 -3.57
CA GLU B 126 -18.12 11.91 -3.04
C GLU B 126 -17.57 13.23 -2.56
N LEU B 127 -18.48 14.20 -2.34
CA LEU B 127 -18.14 15.43 -1.65
C LEU B 127 -16.96 16.07 -2.37
N GLU B 128 -15.77 16.10 -1.76
CA GLU B 128 -14.64 16.70 -2.48
C GLU B 128 -14.20 15.95 -3.76
N GLY B 129 -14.56 14.66 -3.83
CA GLY B 129 -14.17 13.80 -4.95
C GLY B 129 -15.10 13.93 -6.16
N GLY B 130 -16.18 14.70 -5.99
CA GLY B 130 -17.08 15.05 -7.12
C GLY B 130 -16.41 15.99 -8.11
N PRO B 131 -16.00 17.21 -7.66
CA PRO B 131 -15.08 18.03 -8.49
C PRO B 131 -13.80 17.28 -8.96
N ARG B 132 -13.13 16.58 -8.02
CA ARG B 132 -11.76 16.08 -8.18
C ARG B 132 -11.66 14.58 -7.88
N PRO B 133 -11.83 13.72 -8.90
CA PRO B 133 -12.04 12.28 -8.67
C PRO B 133 -10.79 11.38 -8.43
N THR B 134 -9.60 12.02 -8.45
CA THR B 134 -8.28 11.36 -8.32
C THR B 134 -7.45 12.16 -7.29
N HIS B 135 -8.04 13.24 -6.76
CA HIS B 135 -7.42 13.96 -5.61
C HIS B 135 -6.97 13.07 -4.40
N PHE B 136 -7.91 12.27 -3.91
CA PHE B 136 -7.68 11.48 -2.73
C PHE B 136 -6.74 10.28 -2.96
N ALA B 137 -6.68 9.79 -4.17
CA ALA B 137 -5.74 8.74 -4.56
C ALA B 137 -4.33 9.28 -4.38
N GLY B 138 -4.08 10.50 -4.85
CA GLY B 138 -2.80 11.15 -4.67
C GLY B 138 -2.51 11.40 -3.19
N VAL B 139 -3.53 11.90 -2.48
CA VAL B 139 -3.35 12.12 -1.03
C VAL B 139 -3.01 10.80 -0.33
N LEU B 140 -3.77 9.73 -0.55
CA LEU B 140 -3.51 8.48 0.18
C LEU B 140 -2.18 7.84 -0.19
N THR B 141 -1.83 7.94 -1.44
CA THR B 141 -0.57 7.44 -1.91
C THR B 141 0.64 8.12 -1.21
N VAL B 142 0.65 9.47 -1.12
CA VAL B 142 1.76 10.22 -0.51
C VAL B 142 1.81 9.99 0.97
N VAL B 143 0.62 9.88 1.59
CA VAL B 143 0.55 9.65 2.98
C VAL B 143 1.05 8.25 3.33
N LEU B 144 0.66 7.21 2.58
CA LEU B 144 1.22 5.86 2.76
C LEU B 144 2.71 5.96 2.63
N LYS B 145 3.20 6.64 1.60
CA LYS B 145 4.65 6.68 1.45
C LYS B 145 5.33 7.35 2.66
N LEU B 146 4.77 8.47 3.15
CA LEU B 146 5.39 9.18 4.26
C LEU B 146 5.38 8.34 5.51
N LEU B 147 4.29 7.63 5.74
CA LEU B 147 4.18 6.69 6.85
C LEU B 147 5.18 5.54 6.74
N GLN B 148 5.45 5.12 5.52
CA GLN B 148 6.45 4.07 5.37
C GLN B 148 7.89 4.57 5.57
N ILE B 149 8.15 5.82 5.19
CA ILE B 149 9.47 6.42 5.24
C ILE B 149 9.81 6.82 6.67
N VAL B 150 8.88 7.42 7.39
CA VAL B 150 9.12 7.87 8.76
C VAL B 150 8.72 6.86 9.85
N ARG B 151 7.81 5.94 9.55
CA ARG B 151 7.20 5.03 10.54
CA ARG B 151 7.25 5.02 10.58
C ARG B 151 6.93 5.73 11.88
N PRO B 152 5.97 6.66 11.86
CA PRO B 152 5.69 7.31 13.14
C PRO B 152 4.86 6.46 14.07
N ASP B 153 4.94 6.74 15.36
CA ASP B 153 3.93 6.21 16.26
C ASP B 153 2.54 6.83 16.07
N ARG B 154 2.51 8.15 15.79
CA ARG B 154 1.26 8.90 15.59
C ARG B 154 1.41 9.86 14.42
N VAL B 155 0.34 10.01 13.65
CA VAL B 155 0.38 10.98 12.55
C VAL B 155 -0.72 12.01 12.82
N PHE B 156 -0.44 13.31 12.60
CA PHE B 156 -1.39 14.37 12.99
C PHE B 156 -1.90 15.11 11.80
N PHE B 157 -3.24 15.24 11.73
CA PHE B 157 -3.98 16.01 10.66
C PHE B 157 -5.04 16.98 11.24
N GLY B 158 -5.25 18.12 10.61
CA GLY B 158 -6.35 18.99 10.97
C GLY B 158 -7.68 18.38 10.59
N GLU B 159 -8.71 18.62 11.42
CA GLU B 159 -10.12 18.22 11.09
C GLU B 159 -10.76 19.01 9.98
N LYS B 160 -10.13 20.10 9.55
CA LYS B 160 -10.75 20.95 8.52
C LYS B 160 -11.01 20.19 7.24
N ASP B 161 -10.06 19.35 6.91
CA ASP B 161 -10.24 18.51 5.72
C ASP B 161 -10.73 17.18 6.22
N TYR B 162 -12.00 17.13 6.56
CA TYR B 162 -12.50 16.04 7.36
C TYR B 162 -12.61 14.73 6.57
N GLN B 163 -13.13 14.84 5.33
CA GLN B 163 -13.18 13.73 4.36
C GLN B 163 -11.81 13.09 4.12
N GLN B 164 -10.79 13.92 4.01
CA GLN B 164 -9.41 13.49 3.90
C GLN B 164 -9.01 12.74 5.15
N LEU B 165 -9.25 13.32 6.33
CA LEU B 165 -8.92 12.62 7.61
C LEU B 165 -9.62 11.25 7.66
N VAL B 166 -10.91 11.20 7.28
CA VAL B 166 -11.64 9.95 7.35
C VAL B 166 -11.05 8.92 6.36
N LEU B 167 -10.70 9.37 5.17
CA LEU B 167 -9.99 8.52 4.21
C LEU B 167 -8.65 7.98 4.69
N ILE B 168 -7.87 8.83 5.35
CA ILE B 168 -6.62 8.40 6.02
C ILE B 168 -6.88 7.32 7.05
N ARG B 169 -7.92 7.46 7.88
N ARG B 169 -7.93 7.48 7.88
CA ARG B 169 -8.24 6.40 8.84
CA ARG B 169 -8.32 6.44 8.85
C ARG B 169 -8.64 5.11 8.15
C ARG B 169 -8.57 5.14 8.12
N GLN B 170 -9.29 5.23 6.99
CA GLN B 170 -9.61 4.08 6.13
C GLN B 170 -8.36 3.46 5.59
N LEU B 171 -7.43 4.26 5.09
CA LEU B 171 -6.11 3.74 4.68
C LEU B 171 -5.40 2.92 5.76
N VAL B 172 -5.28 3.50 6.97
CA VAL B 172 -4.59 2.89 8.05
C VAL B 172 -5.23 1.57 8.48
N ALA B 173 -6.55 1.55 8.56
CA ALA B 173 -7.29 0.37 8.97
C ALA B 173 -7.16 -0.67 7.83
N ASP B 174 -7.40 -0.27 6.60
CA ASP B 174 -7.42 -1.17 5.50
C ASP B 174 -6.07 -1.80 5.15
N PHE B 175 -4.99 -1.03 5.32
CA PHE B 175 -3.65 -1.55 5.07
C PHE B 175 -2.93 -2.05 6.31
N ASN B 176 -3.68 -2.21 7.42
CA ASN B 176 -3.20 -2.67 8.70
C ASN B 176 -1.96 -1.93 9.14
N LEU B 177 -1.93 -0.60 8.89
CA LEU B 177 -0.79 0.25 9.30
C LEU B 177 -0.86 0.40 10.80
N ASP B 178 0.30 0.43 11.41
CA ASP B 178 0.31 0.42 12.87
C ASP B 178 0.81 1.81 13.29
N VAL B 179 -0.09 2.76 13.04
CA VAL B 179 0.11 4.14 13.36
C VAL B 179 -1.21 4.64 13.90
N ALA B 180 -1.15 5.53 14.90
CA ALA B 180 -2.32 6.29 15.38
C ALA B 180 -2.53 7.54 14.55
N VAL B 181 -3.77 7.72 14.09
CA VAL B 181 -4.13 8.88 13.32
C VAL B 181 -4.74 9.87 14.34
N VAL B 182 -4.19 11.07 14.44
CA VAL B 182 -4.70 12.03 15.41
C VAL B 182 -5.30 13.19 14.65
N GLY B 183 -6.60 13.38 14.79
CA GLY B 183 -7.19 14.57 14.22
C GLY B 183 -7.19 15.71 15.23
N VAL B 184 -6.74 16.89 14.79
CA VAL B 184 -6.64 18.09 15.62
C VAL B 184 -7.76 19.08 15.22
N PRO B 185 -8.58 19.48 16.20
CA PRO B 185 -9.67 20.45 15.93
C PRO B 185 -9.16 21.68 15.17
N THR B 186 -9.97 22.15 14.21
CA THR B 186 -9.61 23.24 13.30
C THR B 186 -9.32 24.54 14.05
N VAL B 187 -8.16 25.14 13.75
CA VAL B 187 -7.78 26.47 14.25
C VAL B 187 -8.50 27.50 13.38
N ARG B 188 -9.06 28.49 14.06
CA ARG B 188 -9.92 29.50 13.41
C ARG B 188 -9.43 30.94 13.65
N GLU B 189 -9.63 31.79 12.65
N GLU B 189 -9.63 31.79 12.65
CA GLU B 189 -9.48 33.24 12.81
CA GLU B 189 -9.49 33.22 12.83
C GLU B 189 -10.48 33.76 13.86
C GLU B 189 -10.43 33.72 13.95
N ALA B 190 -10.27 34.99 14.36
CA ALA B 190 -11.10 35.50 15.50
C ALA B 190 -12.62 35.51 15.19
N ASP B 191 -12.97 35.73 13.94
CA ASP B 191 -14.36 35.67 13.50
C ASP B 191 -14.95 34.24 13.24
N GLY B 192 -14.07 33.22 13.30
CA GLY B 192 -14.41 31.83 13.13
C GLY B 192 -14.01 31.20 11.79
N LEU B 193 -13.49 31.98 10.84
CA LEU B 193 -13.17 31.39 9.54
C LEU B 193 -12.04 30.34 9.72
N ALA B 194 -12.22 29.14 9.17
CA ALA B 194 -11.22 28.06 9.33
C ALA B 194 -9.93 28.51 8.65
N MET B 195 -8.84 28.42 9.37
CA MET B 195 -7.57 28.80 8.76
C MET B 195 -7.20 27.93 7.61
N SER B 196 -6.71 28.63 6.60
CA SER B 196 -6.33 28.09 5.34
C SER B 196 -5.43 29.05 4.55
N SER B 197 -4.57 28.44 3.76
CA SER B 197 -3.67 29.09 2.82
C SER B 197 -4.47 30.02 1.93
N ARG B 198 -5.62 29.51 1.48
CA ARG B 198 -6.47 30.23 0.56
C ARG B 198 -7.05 31.56 1.10
N ASN B 199 -7.09 31.74 2.42
CA ASN B 199 -7.70 32.95 3.01
C ASN B 199 -7.02 34.29 2.57
N ARG B 200 -5.76 34.19 2.12
CA ARG B 200 -5.03 35.34 1.56
C ARG B 200 -5.55 35.73 0.18
N TYR B 201 -6.10 34.79 -0.57
CA TYR B 201 -6.70 35.13 -1.86
C TYR B 201 -7.79 36.23 -1.71
N LEU B 202 -8.60 36.11 -0.64
CA LEU B 202 -9.88 36.83 -0.50
C LEU B 202 -9.73 38.35 -0.44
N ASP B 203 -10.41 39.04 -1.36
CA ASP B 203 -10.62 40.50 -1.20
C ASP B 203 -11.44 40.72 0.08
N PRO B 204 -11.50 41.96 0.57
CA PRO B 204 -12.20 42.16 1.84
C PRO B 204 -13.71 41.83 1.82
N ALA B 205 -14.34 41.80 0.63
CA ALA B 205 -15.76 41.50 0.56
C ALA B 205 -15.96 39.97 0.65
N GLN B 206 -15.14 39.24 -0.08
CA GLN B 206 -15.14 37.77 -0.02
C GLN B 206 -14.77 37.31 1.36
N ARG B 207 -13.82 37.98 1.97
CA ARG B 207 -13.35 37.66 3.30
C ARG B 207 -14.43 37.89 4.36
N ALA B 208 -15.22 38.95 4.23
CA ALA B 208 -16.37 39.16 5.11
C ALA B 208 -17.48 38.16 4.82
N ALA B 209 -17.76 37.89 3.56
CA ALA B 209 -18.78 36.91 3.20
C ALA B 209 -18.37 35.49 3.62
N ALA B 210 -17.07 35.20 3.67
CA ALA B 210 -16.53 33.85 4.03
C ALA B 210 -16.91 33.38 5.42
N VAL B 211 -17.14 34.33 6.33
N VAL B 211 -17.13 34.32 6.33
CA VAL B 211 -17.54 34.04 7.71
CA VAL B 211 -17.55 34.04 7.70
C VAL B 211 -18.87 33.25 7.79
C VAL B 211 -18.84 33.20 7.75
N ALA B 212 -19.69 33.32 6.73
CA ALA B 212 -21.00 32.57 6.66
C ALA B 212 -20.88 31.05 6.76
N LEU B 213 -19.74 30.51 6.31
CA LEU B 213 -19.53 29.07 6.40
C LEU B 213 -19.39 28.59 7.84
N SER B 214 -18.48 29.16 8.62
CA SER B 214 -18.38 28.80 10.01
C SER B 214 -19.62 29.19 10.82
N ALA B 215 -20.19 30.37 10.52
CA ALA B 215 -21.40 30.84 11.14
C ALA B 215 -22.58 29.89 10.87
N ALA B 216 -22.80 29.49 9.62
CA ALA B 216 -23.82 28.45 9.34
C ALA B 216 -23.60 27.15 10.16
N LEU B 217 -22.34 26.73 10.31
CA LEU B 217 -22.03 25.42 10.90
C LEU B 217 -22.25 25.47 12.42
N THR B 218 -21.75 26.52 13.08
N THR B 218 -21.78 26.55 13.04
CA THR B 218 -21.95 26.65 14.52
CA THR B 218 -21.91 26.74 14.46
C THR B 218 -23.40 26.96 14.90
C THR B 218 -23.34 27.03 14.90
N ALA B 219 -24.11 27.68 14.03
CA ALA B 219 -25.53 27.93 14.26
C ALA B 219 -26.22 26.56 14.22
N ALA B 220 -25.90 25.77 13.20
CA ALA B 220 -26.43 24.40 13.06
C ALA B 220 -26.05 23.58 14.30
N ALA B 221 -24.77 23.53 14.69
CA ALA B 221 -24.41 22.80 15.93
C ALA B 221 -25.34 23.10 17.12
N HIS B 222 -25.70 24.38 17.32
CA HIS B 222 -26.58 24.81 18.45
C HIS B 222 -28.06 24.63 18.19
N ALA B 223 -28.53 24.89 16.97
CA ALA B 223 -29.90 24.57 16.58
C ALA B 223 -30.26 23.09 16.79
N ALA B 224 -29.25 22.21 16.66
CA ALA B 224 -29.36 20.70 16.76
C ALA B 224 -30.10 20.13 17.94
N THR B 225 -30.09 20.82 19.09
CA THR B 225 -30.99 20.42 20.18
C THR B 225 -32.43 20.32 19.69
N ALA B 226 -32.79 21.01 18.62
CA ALA B 226 -34.19 20.90 18.09
C ALA B 226 -34.34 19.93 16.92
N GLY B 227 -33.32 19.11 16.72
CA GLY B 227 -33.32 18.11 15.64
C GLY B 227 -32.51 18.41 14.39
N ALA B 228 -32.55 17.49 13.45
CA ALA B 228 -31.65 17.51 12.30
C ALA B 228 -32.13 18.52 11.26
N GLN B 229 -33.44 18.57 11.03
CA GLN B 229 -34.00 19.55 10.13
CA GLN B 229 -34.01 19.58 10.13
C GLN B 229 -33.75 20.99 10.66
N ALA B 230 -34.03 21.26 11.94
CA ALA B 230 -33.66 22.55 12.56
C ALA B 230 -32.19 22.97 12.29
N ALA B 231 -31.27 22.03 12.48
CA ALA B 231 -29.81 22.21 12.29
C ALA B 231 -29.50 22.58 10.84
N LEU B 232 -30.09 21.82 9.89
CA LEU B 232 -29.86 22.06 8.48
C LEU B 232 -30.46 23.39 7.99
N ASP B 233 -31.70 23.66 8.40
CA ASP B 233 -32.44 24.90 8.08
C ASP B 233 -31.69 26.12 8.64
N ALA B 234 -31.17 26.04 9.85
CA ALA B 234 -30.38 27.14 10.43
C ALA B 234 -29.15 27.38 9.55
N ALA B 235 -28.39 26.32 9.22
CA ALA B 235 -27.22 26.52 8.35
C ALA B 235 -27.57 27.10 6.97
N ARG B 236 -28.67 26.66 6.35
CA ARG B 236 -29.09 27.20 5.05
CA ARG B 236 -29.03 27.23 5.05
CA ARG B 236 -29.10 27.19 5.05
C ARG B 236 -29.46 28.70 5.14
N ALA B 237 -30.15 29.08 6.23
CA ALA B 237 -30.58 30.50 6.42
C ALA B 237 -29.36 31.36 6.49
N VAL B 238 -28.34 30.87 7.18
CA VAL B 238 -27.15 31.71 7.38
C VAL B 238 -26.45 31.90 6.01
N LEU B 239 -26.27 30.82 5.27
CA LEU B 239 -25.72 30.86 3.91
C LEU B 239 -26.55 31.66 2.95
N ASP B 240 -27.89 31.57 3.06
CA ASP B 240 -28.78 32.39 2.22
C ASP B 240 -28.62 33.88 2.48
N ALA B 241 -28.01 34.22 3.63
CA ALA B 241 -27.81 35.63 3.98
C ALA B 241 -26.48 36.17 3.47
N ALA B 242 -25.66 35.34 2.81
CA ALA B 242 -24.38 35.78 2.35
C ALA B 242 -24.40 36.05 0.84
N PRO B 243 -23.84 37.18 0.38
CA PRO B 243 -23.70 37.42 -1.07
C PRO B 243 -22.42 36.75 -1.63
N GLY B 244 -22.42 36.38 -2.91
CA GLY B 244 -21.22 35.83 -3.51
C GLY B 244 -20.75 34.49 -2.95
N VAL B 245 -21.61 33.67 -2.34
CA VAL B 245 -21.15 32.40 -1.73
C VAL B 245 -21.86 31.26 -2.40
N ALA B 246 -21.19 30.56 -3.30
CA ALA B 246 -21.84 29.53 -4.12
C ALA B 246 -21.57 28.19 -3.43
N VAL B 247 -22.62 27.60 -2.87
CA VAL B 247 -22.47 26.46 -1.96
C VAL B 247 -22.52 25.23 -2.81
N ASP B 248 -21.42 24.47 -2.84
CA ASP B 248 -21.39 23.22 -3.59
C ASP B 248 -22.18 22.12 -2.88
N TYR B 249 -21.96 21.96 -1.58
CA TYR B 249 -22.84 21.05 -0.83
C TYR B 249 -22.96 21.50 0.60
N LEU B 250 -23.93 20.93 1.31
CA LEU B 250 -24.06 21.14 2.73
C LEU B 250 -24.63 19.82 3.15
N GLU B 251 -23.83 18.98 3.81
N GLU B 251 -23.83 19.00 3.84
CA GLU B 251 -24.31 17.62 4.09
CA GLU B 251 -24.25 17.62 4.09
C GLU B 251 -24.05 17.21 5.53
C GLU B 251 -24.05 17.22 5.55
N LEU B 252 -25.06 16.60 6.11
CA LEU B 252 -25.01 16.07 7.45
C LEU B 252 -24.79 14.55 7.31
N ARG B 253 -23.76 14.04 7.96
CA ARG B 253 -23.41 12.60 7.88
C ARG B 253 -23.08 12.05 9.24
N ASP B 254 -22.85 10.73 9.36
CA ASP B 254 -22.32 10.20 10.64
C ASP B 254 -20.83 10.51 10.75
N ILE B 255 -20.21 10.23 11.90
CA ILE B 255 -18.80 10.60 12.02
C ILE B 255 -17.77 9.91 11.06
N GLY B 256 -18.15 8.83 10.40
CA GLY B 256 -17.30 8.19 9.39
C GLY B 256 -17.84 8.53 8.02
N LEU B 257 -18.74 9.49 7.97
CA LEU B 257 -19.29 10.00 6.70
C LEU B 257 -20.19 9.01 5.94
N GLY B 258 -20.78 8.06 6.65
CA GLY B 258 -21.94 7.32 6.14
C GLY B 258 -23.22 8.15 6.41
N PRO B 259 -24.42 7.54 6.21
CA PRO B 259 -25.71 8.19 6.45
C PRO B 259 -25.79 8.72 7.85
N MET B 260 -26.38 9.90 8.05
CA MET B 260 -26.58 10.36 9.43
C MET B 260 -27.57 9.42 10.14
N PRO B 261 -27.23 8.91 11.36
CA PRO B 261 -28.27 8.09 12.03
C PRO B 261 -29.47 8.97 12.46
N LEU B 262 -30.64 8.35 12.60
CA LEU B 262 -31.82 8.98 13.27
C LEU B 262 -31.44 10.18 14.21
N ASN B 263 -30.67 9.87 15.26
CA ASN B 263 -30.01 10.90 16.08
C ASN B 263 -28.63 10.41 16.53
N GLY B 264 -27.88 11.24 17.23
CA GLY B 264 -26.58 10.80 17.72
C GLY B 264 -25.49 11.74 17.27
N SER B 265 -24.29 11.23 17.10
CA SER B 265 -23.16 12.07 16.75
C SER B 265 -23.04 12.12 15.27
N GLY B 266 -22.72 13.29 14.72
CA GLY B 266 -22.46 13.40 13.31
C GLY B 266 -21.50 14.51 12.96
N ARG B 267 -21.44 14.77 11.66
CA ARG B 267 -20.55 15.75 11.14
C ARG B 267 -21.34 16.50 10.08
N LEU B 268 -21.37 17.84 10.18
CA LEU B 268 -21.96 18.67 9.13
C LEU B 268 -20.85 19.29 8.33
N LEU B 269 -20.90 19.16 7.00
CA LEU B 269 -19.80 19.58 6.13
C LEU B 269 -20.27 20.57 5.10
N VAL B 270 -19.49 21.58 4.78
CA VAL B 270 -19.93 22.53 3.76
C VAL B 270 -18.72 22.85 2.84
N ALA B 271 -18.98 23.13 1.58
CA ALA B 271 -17.94 23.67 0.70
C ALA B 271 -18.59 24.73 -0.16
N ALA B 272 -17.87 25.79 -0.48
CA ALA B 272 -18.46 26.86 -1.30
C ALA B 272 -17.40 27.60 -2.09
N ARG B 273 -17.80 28.21 -3.20
CA ARG B 273 -16.91 29.05 -3.99
C ARG B 273 -17.16 30.55 -3.82
N LEU B 274 -16.12 31.29 -3.46
CA LEU B 274 -16.13 32.75 -3.39
C LEU B 274 -15.17 33.23 -4.45
N GLY B 275 -15.69 33.91 -5.48
CA GLY B 275 -14.92 34.22 -6.70
C GLY B 275 -14.25 32.97 -7.23
N THR B 276 -12.93 32.92 -7.13
CA THR B 276 -12.26 31.64 -7.52
C THR B 276 -11.77 30.74 -6.37
N THR B 277 -11.91 31.19 -5.12
CA THR B 277 -11.50 30.41 -3.98
C THR B 277 -12.60 29.42 -3.54
N ARG B 278 -12.22 28.15 -3.43
CA ARG B 278 -13.10 27.13 -2.93
C ARG B 278 -12.73 27.02 -1.44
N LEU B 279 -13.75 27.11 -0.57
CA LEU B 279 -13.55 27.05 0.89
C LEU B 279 -14.30 25.85 1.45
N LEU B 280 -13.74 25.19 2.44
CA LEU B 280 -14.37 24.05 3.13
C LEU B 280 -14.49 24.30 4.63
N ASP B 281 -15.47 23.71 5.25
CA ASP B 281 -15.50 23.69 6.72
C ASP B 281 -16.43 22.57 7.14
N ASN B 282 -16.38 22.15 8.39
CA ASN B 282 -17.21 21.10 8.93
C ASN B 282 -17.18 21.27 10.42
N ILE B 283 -18.14 20.70 11.08
CA ILE B 283 -18.24 20.82 12.50
C ILE B 283 -18.90 19.55 13.03
N ALA B 284 -18.59 19.23 14.27
CA ALA B 284 -19.28 18.21 15.07
C ALA B 284 -20.70 18.62 15.37
N ILE B 285 -21.62 17.67 15.29
CA ILE B 285 -23.04 17.89 15.46
CA ILE B 285 -23.04 17.89 15.46
C ILE B 285 -23.59 16.74 16.29
N GLU B 286 -24.37 17.06 17.31
CA GLU B 286 -25.01 16.01 18.10
C GLU B 286 -26.52 16.21 17.98
N ILE B 287 -27.18 15.23 17.40
CA ILE B 287 -28.59 15.40 17.01
C ILE B 287 -29.53 15.23 18.20
N GLY B 288 -30.39 16.25 18.42
CA GLY B 288 -31.20 16.39 19.62
C GLY B 288 -30.43 16.23 20.93
#